data_4R4E
#
_entry.id   4R4E
#
_cell.length_a   76.350
_cell.length_b   103.300
_cell.length_c   137.140
_cell.angle_alpha   90.00
_cell.angle_beta   90.00
_cell.angle_gamma   90.00
#
_symmetry.space_group_name_H-M   'I 21 21 21'
#
loop_
_entity.id
_entity.type
_entity.pdbx_description
1 polymer 'HTH-type transcriptional regulator GlnR'
2 polymer "DNA (5'-D(*AP*TP*TP*CP*TP*GP*AP*CP*A)-3')"
3 polymer "DNA (5'-D(*TP*GP*TP*CP*AP*GP*TP*A)-3')"
4 non-polymer '3-CYCLOHEXYL-1-PROPYLSULFONIC ACID'
5 water water
#
loop_
_entity_poly.entity_id
_entity_poly.type
_entity_poly.pdbx_seq_one_letter_code
_entity_poly.pdbx_strand_id
1 'polypeptide(L)'
;MSDNIRRSMPLFPIGIVMQLTELSARQIRYYEENGLIFPARTEGNRRLFSFHDVDKLLEIKHLIEQGVNMAGIKQILAKA
EAEP
;
B,A
2 'polydeoxyribonucleotide' (DA)(DT)(DT)(DC)(DT)(DG)(DA)(DC)(DA) D
3 'polydeoxyribonucleotide' (DT)(DG)(DT)(DC)(DA)(DG)(DT)(DA) E
#
# COMPACT_ATOMS: atom_id res chain seq x y z
N MET A 1 -1.03 15.47 27.58
CA MET A 1 -1.55 15.14 26.23
C MET A 1 -3.05 14.91 26.21
N SER A 2 -3.80 15.86 26.78
CA SER A 2 -5.25 15.76 26.82
C SER A 2 -5.85 16.00 25.44
N ASP A 3 -5.03 15.80 24.40
CA ASP A 3 -5.48 16.02 23.04
C ASP A 3 -6.05 14.75 22.44
N ASN A 4 -5.45 13.61 22.81
CA ASN A 4 -5.90 12.35 22.23
C ASN A 4 -7.34 12.04 22.58
N ILE A 5 -7.75 12.33 23.80
CA ILE A 5 -9.12 12.06 24.21
C ILE A 5 -10.06 12.92 23.38
N ARG A 6 -9.62 14.14 23.07
CA ARG A 6 -10.44 15.03 22.27
C ARG A 6 -10.49 14.56 20.83
N ARG A 7 -9.42 13.94 20.37
CA ARG A 7 -9.36 13.47 18.99
C ARG A 7 -10.09 12.13 18.81
N SER A 8 -10.22 11.38 19.90
CA SER A 8 -10.90 10.10 19.85
C SER A 8 -12.31 10.30 20.39
N MET A 9 -12.81 11.52 20.23
CA MET A 9 -14.12 11.89 20.74
C MET A 9 -15.18 11.99 19.64
N PRO A 10 -16.25 11.18 19.73
CA PRO A 10 -17.35 11.20 18.75
C PRO A 10 -18.02 12.56 18.73
N LEU A 11 -17.94 13.26 17.61
CA LEU A 11 -18.53 14.58 17.54
C LEU A 11 -19.43 14.83 16.35
N PHE A 12 -19.06 14.34 15.16
CA PHE A 12 -19.89 14.59 13.98
C PHE A 12 -20.47 13.38 13.29
N PRO A 13 -21.65 13.54 12.69
CA PRO A 13 -22.35 12.48 11.97
C PRO A 13 -21.89 12.42 10.50
N ILE A 14 -22.13 11.27 9.89
CA ILE A 14 -21.77 10.97 8.49
C ILE A 14 -21.94 12.15 7.51
N GLY A 15 -23.00 12.92 7.69
CA GLY A 15 -23.25 14.05 6.81
C GLY A 15 -22.21 15.15 6.89
N ILE A 16 -21.75 15.50 8.08
CA ILE A 16 -20.72 16.54 8.23
C ILE A 16 -19.39 16.01 7.69
N VAL A 17 -19.08 14.75 8.03
CA VAL A 17 -17.85 14.11 7.57
C VAL A 17 -17.75 14.22 6.06
N MET A 18 -18.84 13.92 5.38
CA MET A 18 -18.85 14.01 3.93
C MET A 18 -18.34 15.36 3.46
N GLN A 19 -18.69 16.41 4.19
CA GLN A 19 -18.26 17.76 3.83
C GLN A 19 -16.78 18.00 4.13
N LEU A 20 -16.28 17.34 5.18
CA LEU A 20 -14.89 17.51 5.57
C LEU A 20 -13.89 16.66 4.77
N THR A 21 -14.39 15.62 4.10
CA THR A 21 -13.51 14.73 3.33
C THR A 21 -13.92 14.58 1.87
N GLU A 22 -15.05 15.14 1.50
CA GLU A 22 -15.52 15.02 0.12
C GLU A 22 -15.72 13.55 -0.29
N LEU A 23 -16.03 12.71 0.68
CA LEU A 23 -16.27 11.28 0.41
C LEU A 23 -17.77 11.02 0.53
N SER A 24 -18.32 10.20 -0.36
CA SER A 24 -19.76 9.90 -0.28
C SER A 24 -20.04 9.02 0.93
N ALA A 25 -21.30 8.94 1.31
CA ALA A 25 -21.65 8.12 2.45
C ALA A 25 -21.41 6.65 2.12
N ARG A 26 -21.59 6.30 0.84
CA ARG A 26 -21.38 4.93 0.38
C ARG A 26 -19.93 4.57 0.63
N GLN A 27 -19.04 5.44 0.18
CA GLN A 27 -17.60 5.23 0.33
C GLN A 27 -17.21 5.11 1.77
N ILE A 28 -17.60 6.14 2.53
CA ILE A 28 -17.29 6.21 3.96
C ILE A 28 -17.73 4.93 4.66
N ARG A 29 -18.96 4.50 4.39
CA ARG A 29 -19.46 3.30 5.02
C ARG A 29 -18.74 2.06 4.51
N TYR A 30 -18.43 2.06 3.22
CA TYR A 30 -17.75 0.93 2.60
C TYR A 30 -16.38 0.69 3.21
N TYR A 31 -15.62 1.76 3.41
CA TYR A 31 -14.30 1.61 4.01
C TYR A 31 -14.46 0.97 5.40
N GLU A 32 -15.59 1.23 6.05
CA GLU A 32 -15.85 0.64 7.35
C GLU A 32 -16.07 -0.88 7.20
N GLU A 33 -16.77 -1.29 6.15
CA GLU A 33 -17.01 -2.72 5.91
C GLU A 33 -15.70 -3.48 5.74
N ASN A 34 -14.64 -2.76 5.41
CA ASN A 34 -13.35 -3.40 5.23
C ASN A 34 -12.44 -3.29 6.44
N GLY A 35 -12.97 -2.76 7.53
CA GLY A 35 -12.18 -2.63 8.73
C GLY A 35 -11.20 -1.48 8.70
N LEU A 36 -11.33 -0.60 7.71
CA LEU A 36 -10.46 0.56 7.59
C LEU A 36 -10.71 1.60 8.69
N ILE A 37 -11.96 1.68 9.15
CA ILE A 37 -12.33 2.63 10.20
C ILE A 37 -13.27 1.97 11.21
N PHE A 38 -13.27 2.52 12.42
CA PHE A 38 -14.10 2.01 13.51
C PHE A 38 -14.84 3.14 14.23
N PRO A 39 -15.84 3.74 13.56
CA PRO A 39 -16.65 4.85 14.08
C PRO A 39 -17.53 4.39 15.25
N ALA A 40 -17.68 5.24 16.26
CA ALA A 40 -18.52 4.89 17.40
C ALA A 40 -20.00 5.02 17.02
N ARG A 41 -20.87 4.38 17.78
CA ARG A 41 -22.30 4.41 17.51
C ARG A 41 -23.10 5.02 18.67
N THR A 42 -24.28 5.55 18.35
CA THR A 42 -25.17 6.14 19.37
C THR A 42 -26.22 5.11 19.79
N GLU A 43 -27.25 5.59 20.47
CA GLU A 43 -28.34 4.71 20.90
C GLU A 43 -29.17 4.33 19.69
N GLY A 44 -29.11 5.18 18.67
CA GLY A 44 -29.87 4.93 17.45
C GLY A 44 -29.01 4.31 16.37
N ASN A 45 -27.89 3.75 16.76
CA ASN A 45 -26.97 3.10 15.83
C ASN A 45 -26.42 4.07 14.80
N ARG A 46 -26.56 5.37 15.07
CA ARG A 46 -26.03 6.38 14.14
C ARG A 46 -24.54 6.57 14.39
N ARG A 47 -23.79 6.63 13.31
CA ARG A 47 -22.35 6.79 13.41
C ARG A 47 -21.92 8.20 13.83
N LEU A 48 -21.01 8.25 14.80
CA LEU A 48 -20.47 9.52 15.28
C LEU A 48 -18.95 9.43 15.16
N PHE A 49 -18.42 10.12 14.16
CA PHE A 49 -16.99 10.11 13.89
C PHE A 49 -16.24 11.10 14.78
N SER A 50 -15.02 10.72 15.17
CA SER A 50 -14.16 11.57 15.98
C SER A 50 -13.14 12.21 15.06
N PHE A 51 -12.26 13.05 15.60
CA PHE A 51 -11.24 13.69 14.79
C PHE A 51 -10.27 12.66 14.20
N HIS A 52 -10.02 11.60 14.96
CA HIS A 52 -9.14 10.54 14.50
C HIS A 52 -9.71 9.85 13.26
N ASP A 53 -11.02 9.60 13.28
CA ASP A 53 -11.68 8.93 12.17
C ASP A 53 -11.60 9.74 10.87
N VAL A 54 -11.76 11.06 11.00
CA VAL A 54 -11.71 11.98 9.85
C VAL A 54 -10.29 11.99 9.26
N ASP A 55 -9.29 11.99 10.12
CA ASP A 55 -7.91 11.98 9.68
C ASP A 55 -7.65 10.66 8.96
N LYS A 56 -7.98 9.55 9.62
CA LYS A 56 -7.80 8.22 9.03
C LYS A 56 -8.60 8.09 7.74
N LEU A 57 -9.62 8.93 7.59
CA LEU A 57 -10.46 8.93 6.41
C LEU A 57 -9.81 9.72 5.28
N LEU A 58 -9.11 10.80 5.63
CA LEU A 58 -8.43 11.63 4.65
C LEU A 58 -7.28 10.84 4.01
N GLU A 59 -6.66 9.96 4.80
CA GLU A 59 -5.58 9.10 4.33
C GLU A 59 -6.14 8.16 3.26
N ILE A 60 -7.27 7.54 3.56
CA ILE A 60 -7.93 6.63 2.63
C ILE A 60 -8.28 7.36 1.34
N LYS A 61 -8.69 8.62 1.45
CA LYS A 61 -9.06 9.34 0.23
C LYS A 61 -7.85 9.52 -0.67
N HIS A 62 -6.71 9.85 -0.06
CA HIS A 62 -5.48 10.07 -0.80
C HIS A 62 -5.10 8.81 -1.58
N LEU A 63 -5.07 7.67 -0.91
CA LEU A 63 -4.74 6.42 -1.56
C LEU A 63 -5.79 6.05 -2.59
N ILE A 64 -7.07 6.18 -2.20
CA ILE A 64 -8.20 5.86 -3.07
C ILE A 64 -8.07 6.61 -4.41
N GLU A 65 -7.62 7.85 -4.34
CA GLU A 65 -7.46 8.66 -5.54
C GLU A 65 -6.22 8.24 -6.29
N GLN A 66 -5.30 7.58 -5.59
CA GLN A 66 -4.07 7.11 -6.21
C GLN A 66 -4.32 5.78 -6.95
N GLY A 67 -5.55 5.29 -6.92
CA GLY A 67 -5.88 4.05 -7.60
C GLY A 67 -5.71 2.78 -6.77
N VAL A 68 -5.32 2.93 -5.51
CA VAL A 68 -5.13 1.77 -4.64
C VAL A 68 -6.47 1.14 -4.22
N ASN A 69 -6.56 -0.18 -4.32
CA ASN A 69 -7.79 -0.87 -3.94
C ASN A 69 -7.80 -1.17 -2.43
N MET A 70 -8.90 -1.75 -1.94
CA MET A 70 -9.01 -2.05 -0.52
C MET A 70 -7.87 -2.92 0.01
N ALA A 71 -7.51 -3.95 -0.74
CA ALA A 71 -6.43 -4.84 -0.32
C ALA A 71 -5.16 -4.03 -0.13
N GLY A 72 -4.89 -3.14 -1.08
CA GLY A 72 -3.70 -2.32 -1.01
C GLY A 72 -3.68 -1.43 0.20
N ILE A 73 -4.82 -0.81 0.51
CA ILE A 73 -4.93 0.08 1.66
C ILE A 73 -4.81 -0.66 2.99
N LYS A 74 -5.39 -1.85 3.04
CA LYS A 74 -5.31 -2.63 4.26
C LYS A 74 -3.82 -2.88 4.50
N GLN A 75 -3.13 -3.30 3.45
CA GLN A 75 -1.70 -3.59 3.51
C GLN A 75 -0.88 -2.40 3.98
N ILE A 76 -1.20 -1.23 3.44
CA ILE A 76 -0.51 0.00 3.78
C ILE A 76 -0.80 0.45 5.22
N LEU A 77 -2.07 0.66 5.52
CA LEU A 77 -2.46 1.10 6.85
C LEU A 77 -1.99 0.12 7.93
N ALA A 78 -1.99 -1.16 7.60
CA ALA A 78 -1.57 -2.18 8.56
C ALA A 78 -0.17 -1.91 9.11
N LYS A 79 0.72 -1.45 8.23
CA LYS A 79 2.10 -1.18 8.60
C LYS A 79 2.30 0.21 9.21
N ALA A 80 1.61 1.20 8.65
CA ALA A 80 1.72 2.56 9.14
C ALA A 80 1.21 2.72 10.58
N GLU A 81 0.53 1.69 11.07
CA GLU A 81 -0.02 1.73 12.42
C GLU A 81 0.84 0.96 13.42
N ALA A 82 1.70 0.09 12.91
CA ALA A 82 2.55 -0.71 13.77
C ALA A 82 3.96 -0.14 13.91
N GLU A 83 4.40 0.65 12.93
CA GLU A 83 5.74 1.23 13.01
C GLU A 83 5.90 2.38 13.99
N PRO A 84 5.09 3.44 13.85
CA PRO A 84 5.24 4.56 14.79
C PRO A 84 4.93 4.14 16.22
N MET B 1 27.01 1.79 2.75
CA MET B 1 27.29 0.42 3.27
C MET B 1 27.70 -0.55 2.16
N SER B 2 28.60 -1.45 2.50
CA SER B 2 29.06 -2.44 1.54
C SER B 2 27.89 -3.42 1.32
N ASP B 3 26.93 -3.39 2.24
CA ASP B 3 25.79 -4.27 2.13
C ASP B 3 24.89 -3.87 0.99
N ASN B 4 24.50 -2.59 0.99
CA ASN B 4 23.64 -2.07 -0.06
C ASN B 4 24.26 -2.24 -1.43
N ILE B 5 25.58 -2.09 -1.52
CA ILE B 5 26.20 -2.28 -2.83
C ILE B 5 26.12 -3.75 -3.23
N ARG B 6 26.22 -4.64 -2.25
CA ARG B 6 26.12 -6.08 -2.51
C ARG B 6 24.69 -6.44 -2.93
N ARG B 7 23.72 -5.96 -2.15
CA ARG B 7 22.31 -6.23 -2.47
C ARG B 7 21.95 -5.66 -3.85
N SER B 8 22.79 -4.75 -4.36
CA SER B 8 22.54 -4.11 -5.66
C SER B 8 23.31 -4.68 -6.84
N MET B 9 24.37 -5.43 -6.60
CA MET B 9 25.12 -6.02 -7.70
C MET B 9 24.25 -6.91 -8.59
N PRO B 10 24.12 -6.54 -9.87
CA PRO B 10 23.31 -7.33 -10.79
C PRO B 10 24.02 -8.62 -11.17
N LEU B 11 23.36 -9.75 -10.99
CA LEU B 11 23.97 -11.03 -11.33
C LEU B 11 23.01 -12.17 -11.61
N PHE B 12 21.74 -11.99 -11.27
CA PHE B 12 20.76 -13.03 -11.50
C PHE B 12 20.03 -12.98 -12.84
N PRO B 13 20.09 -14.09 -13.60
CA PRO B 13 19.41 -14.13 -14.91
C PRO B 13 17.91 -14.38 -14.77
N ILE B 14 17.18 -14.04 -15.82
CA ILE B 14 15.72 -14.15 -15.83
C ILE B 14 15.26 -15.58 -15.53
N GLY B 15 16.03 -16.56 -15.97
CA GLY B 15 15.69 -17.96 -15.73
C GLY B 15 15.42 -18.36 -14.28
N ILE B 16 16.39 -18.16 -13.37
CA ILE B 16 16.16 -18.50 -11.97
C ILE B 16 15.13 -17.60 -11.35
N VAL B 17 15.20 -16.31 -11.68
CA VAL B 17 14.28 -15.32 -11.14
C VAL B 17 12.82 -15.74 -11.37
N MET B 18 12.56 -16.34 -12.53
CA MET B 18 11.19 -16.79 -12.82
C MET B 18 10.82 -18.00 -11.99
N GLN B 19 11.77 -18.92 -11.82
CA GLN B 19 11.51 -20.12 -11.02
C GLN B 19 11.23 -19.75 -9.58
N LEU B 20 12.05 -18.86 -9.01
CA LEU B 20 11.89 -18.44 -7.62
C LEU B 20 10.70 -17.58 -7.29
N THR B 21 10.41 -16.62 -8.15
CA THR B 21 9.32 -15.70 -7.91
C THR B 21 8.00 -16.25 -8.38
N GLU B 22 8.08 -17.21 -9.31
CA GLU B 22 6.87 -17.79 -9.89
C GLU B 22 6.18 -16.75 -10.77
N LEU B 23 6.96 -15.86 -11.36
CA LEU B 23 6.40 -14.83 -12.22
C LEU B 23 6.78 -15.16 -13.65
N SER B 24 5.97 -14.75 -14.61
CA SER B 24 6.29 -15.00 -16.02
C SER B 24 7.29 -13.94 -16.48
N ALA B 25 8.05 -14.25 -17.52
CA ALA B 25 9.00 -13.29 -18.04
C ALA B 25 8.23 -12.02 -18.37
N ARG B 26 7.01 -12.18 -18.89
CA ARG B 26 6.14 -11.06 -19.26
C ARG B 26 5.88 -10.15 -18.05
N GLN B 27 5.44 -10.76 -16.95
CA GLN B 27 5.16 -10.02 -15.74
C GLN B 27 6.41 -9.30 -15.25
N ILE B 28 7.54 -10.00 -15.29
CA ILE B 28 8.78 -9.42 -14.84
C ILE B 28 9.07 -8.17 -15.65
N ARG B 29 8.94 -8.29 -16.97
CA ARG B 29 9.19 -7.15 -17.84
C ARG B 29 8.27 -6.00 -17.48
N TYR B 30 7.00 -6.32 -17.32
CA TYR B 30 5.98 -5.34 -16.94
C TYR B 30 6.35 -4.55 -15.69
N TYR B 31 6.75 -5.23 -14.61
CA TYR B 31 7.11 -4.53 -13.37
C TYR B 31 8.36 -3.67 -13.60
N GLU B 32 9.23 -4.11 -14.52
CA GLU B 32 10.42 -3.34 -14.84
C GLU B 32 9.98 -2.05 -15.60
N GLU B 33 9.03 -2.22 -16.53
CA GLU B 33 8.52 -1.09 -17.32
C GLU B 33 7.80 -0.05 -16.44
N ASN B 34 7.35 -0.47 -15.27
CA ASN B 34 6.68 0.42 -14.33
C ASN B 34 7.63 0.95 -13.27
N GLY B 35 8.94 0.81 -13.49
CA GLY B 35 9.87 1.35 -12.51
C GLY B 35 9.96 0.67 -11.14
N LEU B 36 9.42 -0.54 -11.02
CA LEU B 36 9.47 -1.28 -9.75
C LEU B 36 10.83 -1.94 -9.51
N ILE B 37 11.52 -2.33 -10.57
CA ILE B 37 12.83 -2.94 -10.42
C ILE B 37 13.72 -2.39 -11.52
N PHE B 38 15.02 -2.60 -11.44
CA PHE B 38 15.95 -2.07 -12.43
C PHE B 38 17.09 -3.00 -12.82
N PRO B 39 16.77 -4.08 -13.54
CA PRO B 39 17.82 -5.02 -13.96
C PRO B 39 18.72 -4.54 -15.10
N ALA B 40 20.02 -4.40 -14.79
CA ALA B 40 21.00 -4.00 -15.79
C ALA B 40 21.03 -5.01 -16.91
N ARG B 41 21.99 -4.88 -17.83
CA ARG B 41 22.09 -5.80 -18.97
C ARG B 41 23.51 -6.26 -19.29
N THR B 42 23.63 -7.51 -19.74
CA THR B 42 24.92 -8.10 -20.08
C THR B 42 25.38 -7.65 -21.47
N GLU B 43 26.31 -8.40 -22.03
CA GLU B 43 26.84 -8.12 -23.36
C GLU B 43 25.84 -8.67 -24.37
N GLY B 44 25.18 -9.77 -23.98
CA GLY B 44 24.19 -10.39 -24.86
C GLY B 44 22.85 -9.71 -24.71
N ASN B 45 22.86 -8.58 -24.01
CA ASN B 45 21.67 -7.78 -23.76
C ASN B 45 20.67 -8.48 -22.84
N ARG B 46 21.06 -9.65 -22.32
CA ARG B 46 20.19 -10.40 -21.40
C ARG B 46 20.10 -9.65 -20.08
N ARG B 47 18.93 -9.68 -19.46
CA ARG B 47 18.71 -9.01 -18.19
C ARG B 47 19.41 -9.69 -16.98
N LEU B 48 19.96 -8.86 -16.10
CA LEU B 48 20.64 -9.33 -14.91
C LEU B 48 20.04 -8.62 -13.71
N PHE B 49 19.34 -9.36 -12.84
CA PHE B 49 18.72 -8.74 -11.67
C PHE B 49 19.62 -8.75 -10.44
N SER B 50 19.34 -7.84 -9.51
CA SER B 50 20.09 -7.72 -8.29
C SER B 50 19.31 -8.39 -7.16
N PHE B 51 19.94 -8.56 -6.02
CA PHE B 51 19.25 -9.18 -4.92
C PHE B 51 18.03 -8.37 -4.52
N HIS B 52 18.19 -7.04 -4.46
CA HIS B 52 17.06 -6.17 -4.10
C HIS B 52 15.93 -6.34 -5.12
N ASP B 53 16.30 -6.55 -6.39
CA ASP B 53 15.29 -6.74 -7.42
C ASP B 53 14.50 -8.01 -7.12
N VAL B 54 15.19 -9.14 -6.95
CA VAL B 54 14.53 -10.41 -6.66
C VAL B 54 13.72 -10.32 -5.38
N ASP B 55 14.28 -9.66 -4.39
CA ASP B 55 13.56 -9.49 -3.14
C ASP B 55 12.24 -8.73 -3.42
N LYS B 56 12.31 -7.61 -4.15
CA LYS B 56 11.09 -6.86 -4.47
C LYS B 56 10.11 -7.67 -5.30
N LEU B 57 10.63 -8.45 -6.26
CA LEU B 57 9.77 -9.29 -7.08
C LEU B 57 9.02 -10.34 -6.22
N LEU B 58 9.69 -10.88 -5.19
CA LEU B 58 9.03 -11.87 -4.33
C LEU B 58 7.92 -11.18 -3.57
N GLU B 59 8.16 -9.93 -3.21
CA GLU B 59 7.16 -9.15 -2.50
C GLU B 59 5.98 -8.83 -3.42
N ILE B 60 6.26 -8.59 -4.70
CA ILE B 60 5.21 -8.29 -5.67
C ILE B 60 4.33 -9.53 -5.82
N LYS B 61 4.96 -10.69 -5.93
CA LYS B 61 4.21 -11.95 -6.05
C LYS B 61 3.28 -12.08 -4.83
N HIS B 62 3.82 -11.79 -3.66
CA HIS B 62 3.05 -11.90 -2.43
C HIS B 62 1.86 -10.93 -2.40
N LEU B 63 2.11 -9.66 -2.72
CA LEU B 63 1.02 -8.68 -2.73
C LEU B 63 -0.05 -9.08 -3.77
N ILE B 64 0.38 -9.61 -4.92
CA ILE B 64 -0.59 -10.03 -5.92
C ILE B 64 -1.52 -11.08 -5.35
N GLU B 65 -0.94 -12.06 -4.66
CA GLU B 65 -1.75 -13.13 -4.07
C GLU B 65 -2.73 -12.60 -3.06
N GLN B 66 -2.42 -11.46 -2.45
CA GLN B 66 -3.32 -10.88 -1.46
C GLN B 66 -4.32 -9.94 -2.09
N GLY B 67 -4.35 -9.91 -3.42
CA GLY B 67 -5.30 -9.05 -4.12
C GLY B 67 -4.94 -7.60 -4.37
N VAL B 68 -3.72 -7.19 -4.01
CA VAL B 68 -3.32 -5.81 -4.23
C VAL B 68 -3.13 -5.54 -5.72
N ASN B 69 -3.60 -4.38 -6.18
CA ASN B 69 -3.46 -4.01 -7.59
C ASN B 69 -2.15 -3.26 -7.84
N MET B 70 -1.88 -2.97 -9.10
CA MET B 70 -0.67 -2.25 -9.51
C MET B 70 -0.42 -0.98 -8.70
N ALA B 71 -1.50 -0.21 -8.52
CA ALA B 71 -1.46 1.04 -7.77
C ALA B 71 -0.96 0.80 -6.35
N GLY B 72 -1.44 -0.29 -5.76
CA GLY B 72 -1.05 -0.66 -4.41
C GLY B 72 0.42 -1.04 -4.37
N ILE B 73 0.81 -1.93 -5.27
CA ILE B 73 2.20 -2.39 -5.36
C ILE B 73 3.11 -1.16 -5.36
N LYS B 74 2.85 -0.23 -6.27
CA LYS B 74 3.67 0.98 -6.37
C LYS B 74 3.76 1.72 -5.05
N GLN B 75 2.61 2.07 -4.47
CA GLN B 75 2.62 2.80 -3.22
C GLN B 75 3.49 2.11 -2.19
N ILE B 76 3.19 0.85 -1.92
CA ILE B 76 3.93 0.06 -0.96
C ILE B 76 5.43 0.04 -1.21
N LEU B 77 5.87 -0.43 -2.38
CA LEU B 77 7.30 -0.48 -2.68
C LEU B 77 7.94 0.88 -2.54
N ALA B 78 7.21 1.93 -2.93
CA ALA B 78 7.74 3.28 -2.81
C ALA B 78 7.96 3.61 -1.34
N LYS B 79 6.92 3.40 -0.52
CA LYS B 79 7.01 3.69 0.91
C LYS B 79 8.02 2.80 1.62
N ALA B 80 8.52 1.79 0.91
CA ALA B 80 9.50 0.89 1.49
C ALA B 80 10.88 1.50 1.24
N GLU B 81 11.01 2.15 0.09
CA GLU B 81 12.26 2.79 -0.28
C GLU B 81 12.45 4.05 0.55
N ALA B 82 11.35 4.52 1.15
CA ALA B 82 11.40 5.72 1.98
C ALA B 82 11.53 5.37 3.45
N GLU B 83 11.50 4.07 3.77
CA GLU B 83 11.62 3.60 5.14
C GLU B 83 13.07 3.58 5.62
#